data_5Q1Y
#
_entry.id   5Q1Y
#
_cell.length_a   52.028
_cell.length_b   56.998
_cell.length_c   115.098
_cell.angle_alpha   90.000
_cell.angle_beta   90.000
_cell.angle_gamma   90.000
#
_symmetry.space_group_name_H-M   'P 21 21 21'
#
loop_
_entity.id
_entity.type
_entity.pdbx_description
1 polymer 'DNA cross-link repair 1A protein'
2 non-polymer 'MALONATE ION'
3 non-polymer 'NICKEL (II) ION'
4 non-polymer 2-[cyclohexyl(methylsulfonyl)amino]ethanamide
5 water water
#
_entity_poly.entity_id   1
_entity_poly.type   'polypeptide(L)'
_entity_poly.pdbx_seq_one_letter_code
;KKTCPFYKKIPGTGFTVDAFQYGVVEGCTAYFLTHFHSDHYAGLSKHFTFPVYCSEITGNLLKNKLHVQEQYIHPLPLDT
ECIVNGVKVVLLDANHCPGAVMILFYLPNGTVILHTGDFRADPSMERSLLADQKVHMLYLDTTYCSPEYTFPSQQEVIRF
AINTAFEAVTLNPHALVVCGTYSIGKEKVFLAIADVLGSKVGMSQEKYKTLQCLNIPEINSLITTDMCSSLVHLLPMMQI
NFKGLQSHLKKCGGKYNQILAFRPTGWTHSNKFTRIADVIPQTKGNISIYGIPYSEHSSYLEMKRFVQWLKPQKIIPTVN
VGTWKSRSTMEKYFREWKLEAGY
;
_entity_poly.pdbx_strand_id   A
#
# COMPACT_ATOMS: atom_id res chain seq x y z
N THR A 3 5.59 15.77 19.57
CA THR A 3 6.65 14.84 20.08
C THR A 3 6.75 13.57 19.24
N CYS A 4 7.88 13.37 18.56
CA CYS A 4 8.08 12.18 17.74
C CYS A 4 8.17 10.93 18.62
N PRO A 5 7.37 9.88 18.33
CA PRO A 5 7.41 8.66 19.14
C PRO A 5 8.63 7.77 18.90
N PHE A 6 9.00 6.97 19.89
CA PHE A 6 10.25 6.20 19.87
C PHE A 6 10.37 5.23 18.69
N TYR A 7 9.24 4.62 18.31
CA TYR A 7 9.21 3.65 17.20
C TYR A 7 9.40 4.26 15.80
N LYS A 8 9.51 5.60 15.69
CA LYS A 8 9.88 6.29 14.45
C LYS A 8 11.35 6.75 14.44
N LYS A 9 12.09 6.44 15.50
CA LYS A 9 13.50 6.79 15.59
C LYS A 9 14.39 5.56 15.40
N ILE A 10 15.52 5.75 14.72
CA ILE A 10 16.50 4.67 14.50
C ILE A 10 17.73 4.92 15.42
N PRO A 11 17.89 4.09 16.48
CA PRO A 11 18.92 4.38 17.48
C PRO A 11 20.35 4.32 16.93
N GLY A 12 21.22 5.19 17.42
CA GLY A 12 22.61 5.23 16.96
C GLY A 12 22.80 5.89 15.61
N THR A 13 21.76 6.58 15.13
CA THR A 13 21.82 7.34 13.89
C THR A 13 21.16 8.69 14.10
N GLY A 14 21.30 9.56 13.09
CA GLY A 14 20.51 10.78 13.02
C GLY A 14 19.24 10.60 12.18
N PHE A 15 18.66 9.40 12.15
CA PHE A 15 17.57 9.12 11.20
C PHE A 15 16.20 8.95 11.86
N THR A 16 15.16 9.42 11.17
CA THR A 16 13.78 9.08 11.50
C THR A 16 13.13 8.46 10.26
N VAL A 17 12.00 7.79 10.50
CA VAL A 17 11.21 7.13 9.44
C VAL A 17 9.75 7.57 9.57
N ASP A 18 9.21 8.12 8.48
CA ASP A 18 7.80 8.55 8.39
C ASP A 18 7.41 9.51 9.53
N ALA A 19 8.27 10.50 9.74
CA ALA A 19 8.17 11.41 10.91
C ALA A 19 8.19 12.90 10.49
N PHE A 20 7.17 13.33 9.75
CA PHE A 20 7.10 14.69 9.19
C PHE A 20 6.07 15.61 9.87
N GLN A 21 5.34 15.09 10.87
CA GLN A 21 4.22 15.83 11.51
C GLN A 21 4.59 16.37 12.90
N TYR A 22 5.88 16.34 13.24
CA TYR A 22 6.36 16.68 14.59
C TYR A 22 7.24 17.94 14.59
N GLY A 23 7.22 18.71 13.50
CA GLY A 23 8.14 19.83 13.34
C GLY A 23 9.57 19.36 13.16
N VAL A 24 10.51 20.16 13.64
CA VAL A 24 11.94 19.84 13.57
C VAL A 24 12.24 18.83 14.68
N VAL A 25 12.64 17.61 14.30
CA VAL A 25 12.97 16.58 15.27
C VAL A 25 14.41 16.78 15.73
N GLU A 26 14.62 16.90 17.04
CA GLU A 26 15.95 17.21 17.60
C GLU A 26 16.95 16.11 17.24
N GLY A 27 18.00 16.49 16.52
CA GLY A 27 19.08 15.57 16.13
C GLY A 27 18.91 14.87 14.79
N CYS A 28 17.80 15.10 14.10
CA CYS A 28 17.54 14.40 12.85
C CYS A 28 18.25 15.09 11.68
N THR A 29 19.21 14.39 11.09
CA THR A 29 19.99 14.86 9.93
C THR A 29 19.41 14.37 8.57
N ALA A 30 18.55 13.35 8.62
CA ALA A 30 17.90 12.81 7.42
C ALA A 30 16.56 12.15 7.76
N TYR A 31 15.53 12.53 7.00
CA TYR A 31 14.17 12.02 7.15
C TYR A 31 13.88 11.01 6.02
N PHE A 32 13.63 9.76 6.39
CA PHE A 32 13.25 8.74 5.42
C PHE A 32 11.72 8.72 5.29
N LEU A 33 11.25 8.50 4.05
CA LEU A 33 9.83 8.31 3.75
C LEU A 33 9.66 6.96 3.02
N THR A 34 8.99 6.01 3.66
CA THR A 34 8.81 4.66 3.09
C THR A 34 7.89 4.61 1.86
N HIS A 35 6.83 5.43 1.87
CA HIS A 35 5.83 5.42 0.78
C HIS A 35 4.91 6.63 0.83
N PHE A 36 4.27 6.92 -0.30
CA PHE A 36 3.37 8.09 -0.45
C PHE A 36 1.91 7.78 -0.05
N HIS A 37 1.69 7.54 1.25
CA HIS A 37 0.35 7.49 1.86
C HIS A 37 0.29 8.57 2.94
N SER A 38 -0.88 9.21 3.06
CA SER A 38 -1.00 10.46 3.82
C SER A 38 -0.69 10.31 5.32
N ASP A 39 -1.03 9.18 5.93
CA ASP A 39 -0.67 8.96 7.36
C ASP A 39 0.85 8.94 7.58
N HIS A 40 1.61 8.60 6.52
CA HIS A 40 3.08 8.54 6.59
C HIS A 40 3.80 9.82 6.15
N TYR A 41 3.30 10.48 5.10
CA TYR A 41 3.88 11.77 4.68
C TYR A 41 3.36 13.00 5.42
N ALA A 42 2.35 12.83 6.30
CA ALA A 42 1.68 13.97 6.97
C ALA A 42 2.67 14.99 7.55
N GLY A 43 2.57 16.24 7.09
CA GLY A 43 3.49 17.30 7.46
C GLY A 43 4.36 17.85 6.35
N LEU A 44 4.69 17.02 5.35
CA LEU A 44 5.47 17.47 4.17
C LEU A 44 4.71 18.47 3.27
N SER A 45 5.43 19.46 2.74
CA SER A 45 4.88 20.52 1.87
C SER A 45 6.02 21.20 1.09
N LYS A 46 5.71 22.22 0.28
CA LYS A 46 6.75 22.96 -0.48
C LYS A 46 7.78 23.71 0.38
N HIS A 47 7.50 23.88 1.66
CA HIS A 47 8.39 24.65 2.55
C HIS A 47 9.32 23.77 3.40
N PHE A 48 9.27 22.45 3.22
CA PHE A 48 10.17 21.53 3.94
C PHE A 48 11.60 21.75 3.46
N THR A 49 12.55 21.95 4.39
CA THR A 49 13.95 22.31 4.06
C THR A 49 15.04 21.35 4.60
N PHE A 50 14.67 20.11 4.92
CA PHE A 50 15.62 19.07 5.31
C PHE A 50 15.70 17.95 4.25
N PRO A 51 16.80 17.16 4.25
CA PRO A 51 16.94 16.08 3.27
C PRO A 51 15.92 14.96 3.48
N VAL A 52 15.27 14.56 2.38
CA VAL A 52 14.30 13.46 2.39
C VAL A 52 14.87 12.33 1.54
N TYR A 53 14.94 11.14 2.12
CA TYR A 53 15.42 9.95 1.41
C TYR A 53 14.25 8.99 1.15
N CYS A 54 14.17 8.51 -0.09
CA CYS A 54 13.02 7.72 -0.57
C CYS A 54 13.31 7.04 -1.93
N SER A 55 12.35 6.26 -2.42
CA SER A 55 12.43 5.71 -3.77
C SER A 55 12.27 6.80 -4.85
N GLU A 56 12.65 6.45 -6.09
CA GLU A 56 12.42 7.30 -7.26
C GLU A 56 10.92 7.66 -7.41
N ILE A 57 10.05 6.65 -7.34
CA ILE A 57 8.61 6.89 -7.49
C ILE A 57 8.07 7.82 -6.40
N THR A 58 8.43 7.55 -5.14
CA THR A 58 8.03 8.46 -4.06
C THR A 58 8.54 9.89 -4.32
N GLY A 59 9.78 9.99 -4.79
CA GLY A 59 10.37 11.28 -5.15
C GLY A 59 9.60 12.04 -6.23
N ASN A 60 9.12 11.32 -7.25
CA ASN A 60 8.27 11.93 -8.30
C ASN A 60 7.00 12.54 -7.71
N LEU A 61 6.37 11.81 -6.77
CA LEU A 61 5.13 12.27 -6.12
C LEU A 61 5.36 13.46 -5.19
N LEU A 62 6.44 13.42 -4.42
CA LEU A 62 6.83 14.57 -3.60
C LEU A 62 7.02 15.85 -4.45
N LYS A 63 7.72 15.72 -5.57
CA LYS A 63 8.01 16.86 -6.46
C LYS A 63 6.73 17.40 -7.08
N ASN A 64 5.91 16.51 -7.64
CA ASN A 64 4.77 16.95 -8.48
C ASN A 64 3.45 17.16 -7.72
N LYS A 65 3.17 16.35 -6.70
CA LYS A 65 1.90 16.47 -5.94
C LYS A 65 2.00 17.33 -4.67
N LEU A 66 3.09 17.21 -3.92
CA LEU A 66 3.29 18.05 -2.71
C LEU A 66 4.13 19.31 -2.93
N HIS A 67 4.76 19.41 -4.11
N HIS A 67 4.77 19.42 -4.09
CA HIS A 67 5.65 20.52 -4.53
CA HIS A 67 5.54 20.59 -4.48
C HIS A 67 6.87 20.75 -3.65
C HIS A 67 6.85 20.77 -3.66
N VAL A 68 7.44 19.66 -3.19
CA VAL A 68 8.71 19.69 -2.43
C VAL A 68 9.83 20.08 -3.40
N GLN A 69 10.72 20.97 -3.00
CA GLN A 69 11.78 21.43 -3.90
C GLN A 69 12.77 20.32 -4.15
N GLU A 70 13.24 20.27 -5.39
CA GLU A 70 14.10 19.21 -5.92
C GLU A 70 15.41 19.03 -5.15
N GLN A 71 15.96 20.13 -4.64
CA GLN A 71 17.22 20.11 -3.88
C GLN A 71 17.16 19.32 -2.55
N TYR A 72 15.96 19.12 -2.00
CA TYR A 72 15.78 18.34 -0.76
C TYR A 72 15.34 16.89 -0.98
N ILE A 73 15.07 16.50 -2.22
CA ILE A 73 14.63 15.14 -2.54
C ILE A 73 15.83 14.28 -2.93
N HIS A 74 16.09 13.23 -2.15
CA HIS A 74 17.20 12.28 -2.41
C HIS A 74 16.69 10.87 -2.78
N PRO A 75 16.42 10.62 -4.07
CA PRO A 75 15.97 9.28 -4.47
C PRO A 75 17.14 8.28 -4.47
N LEU A 76 16.88 7.05 -4.00
CA LEU A 76 17.85 5.97 -4.01
C LEU A 76 17.34 4.80 -4.82
N PRO A 77 18.22 4.13 -5.60
CA PRO A 77 17.82 2.92 -6.32
C PRO A 77 17.56 1.76 -5.35
N LEU A 78 16.70 0.82 -5.74
CA LEU A 78 16.46 -0.39 -4.94
C LEU A 78 17.61 -1.38 -5.04
N ASP A 79 17.70 -2.24 -4.03
CA ASP A 79 18.60 -3.40 -4.01
C ASP A 79 20.08 -3.00 -4.18
N THR A 80 20.44 -1.82 -3.66
CA THR A 80 21.79 -1.25 -3.87
C THR A 80 22.32 -0.66 -2.55
N GLU A 81 23.51 -1.07 -2.14
CA GLU A 81 24.11 -0.51 -0.93
C GLU A 81 24.49 0.96 -1.20
N CYS A 82 23.98 1.86 -0.34
CA CYS A 82 24.21 3.31 -0.45
C CYS A 82 24.72 3.83 0.90
N ILE A 83 25.60 4.84 0.91
CA ILE A 83 26.04 5.47 2.16
C ILE A 83 25.30 6.81 2.32
N VAL A 84 24.58 6.94 3.43
CA VAL A 84 23.87 8.17 3.80
C VAL A 84 24.38 8.69 5.14
N ASN A 85 24.94 9.90 5.15
CA ASN A 85 25.50 10.52 6.37
C ASN A 85 26.34 9.52 7.18
N GLY A 86 27.22 8.82 6.45
CA GLY A 86 28.15 7.89 7.04
C GLY A 86 27.64 6.52 7.43
N VAL A 87 26.42 6.16 7.02
CA VAL A 87 25.77 4.90 7.41
C VAL A 87 25.31 4.16 6.15
N LYS A 88 25.64 2.86 6.05
CA LYS A 88 25.19 2.03 4.91
C LYS A 88 23.70 1.70 5.06
N VAL A 89 22.95 1.95 3.99
CA VAL A 89 21.53 1.60 3.90
C VAL A 89 21.18 0.91 2.56
N VAL A 90 20.09 0.14 2.58
CA VAL A 90 19.54 -0.51 1.38
C VAL A 90 18.01 -0.33 1.39
N LEU A 91 17.44 0.02 0.23
CA LEU A 91 15.97 0.03 0.04
C LEU A 91 15.55 -1.24 -0.68
N LEU A 92 14.50 -1.87 -0.16
CA LEU A 92 13.94 -3.11 -0.73
C LEU A 92 12.46 -2.92 -1.08
N ASP A 93 11.99 -3.57 -2.13
CA ASP A 93 10.56 -3.47 -2.47
C ASP A 93 9.67 -4.04 -1.34
N ALA A 94 8.65 -3.26 -0.92
CA ALA A 94 7.77 -3.65 0.19
C ALA A 94 6.52 -4.44 -0.25
N ASN A 95 6.30 -4.60 -1.56
CA ASN A 95 5.06 -5.21 -2.05
C ASN A 95 3.84 -4.59 -1.41
N HIS A 96 3.82 -3.24 -1.37
CA HIS A 96 2.70 -2.45 -0.85
C HIS A 96 2.12 -1.69 -2.06
N CYS A 97 2.18 -0.35 -2.07
CA CYS A 97 1.76 0.48 -3.22
C CYS A 97 2.99 0.84 -4.06
N PRO A 98 2.78 1.44 -5.24
CA PRO A 98 3.93 1.82 -6.06
C PRO A 98 4.92 2.75 -5.30
N GLY A 99 6.20 2.43 -5.41
CA GLY A 99 7.27 3.21 -4.74
C GLY A 99 7.53 2.89 -3.28
N ALA A 100 6.74 1.96 -2.71
CA ALA A 100 6.88 1.62 -1.30
C ALA A 100 8.10 0.75 -1.05
N VAL A 101 8.83 1.09 0.01
CA VAL A 101 10.06 0.38 0.37
C VAL A 101 10.14 -0.04 1.83
N MET A 102 10.94 -1.07 2.06
CA MET A 102 11.50 -1.39 3.37
C MET A 102 12.94 -0.83 3.39
N ILE A 103 13.45 -0.52 4.59
CA ILE A 103 14.80 0.06 4.73
C ILE A 103 15.67 -0.80 5.67
N LEU A 104 16.83 -1.21 5.19
CA LEU A 104 17.84 -1.95 5.97
C LEU A 104 18.89 -0.94 6.40
N PHE A 105 19.13 -0.83 7.72
CA PHE A 105 20.18 0.07 8.26
C PHE A 105 21.30 -0.75 8.89
N TYR A 106 22.54 -0.49 8.47
CA TYR A 106 23.72 -1.18 9.01
C TYR A 106 24.41 -0.21 10.00
N LEU A 107 24.12 -0.34 11.29
CA LEU A 107 24.60 0.65 12.26
C LEU A 107 26.12 0.57 12.42
N PRO A 108 26.76 1.72 12.77
CA PRO A 108 28.21 1.71 13.00
C PRO A 108 28.67 0.67 14.03
N ASN A 109 27.86 0.39 15.05
CA ASN A 109 28.24 -0.59 16.08
C ASN A 109 28.08 -2.09 15.69
N GLY A 110 27.61 -2.41 14.47
CA GLY A 110 27.42 -3.80 14.02
C GLY A 110 25.97 -4.31 14.07
N THR A 111 25.08 -3.55 14.69
CA THR A 111 23.66 -3.88 14.71
C THR A 111 23.06 -3.67 13.31
N VAL A 112 22.09 -4.50 12.95
CA VAL A 112 21.39 -4.41 11.66
C VAL A 112 19.89 -4.33 11.99
N ILE A 113 19.24 -3.31 11.41
CA ILE A 113 17.82 -3.00 11.65
C ILE A 113 17.07 -3.05 10.31
N LEU A 114 15.93 -3.76 10.28
CA LEU A 114 15.00 -3.69 9.14
C LEU A 114 13.73 -2.97 9.55
N HIS A 115 13.38 -1.93 8.81
CA HIS A 115 12.11 -1.22 8.97
C HIS A 115 11.24 -1.59 7.77
N THR A 116 10.11 -2.27 8.00
CA THR A 116 9.31 -2.76 6.88
C THR A 116 8.46 -1.68 6.19
N GLY A 117 8.30 -0.52 6.82
CA GLY A 117 7.32 0.45 6.33
C GLY A 117 5.98 -0.24 6.38
N ASP A 118 5.09 0.05 5.44
CA ASP A 118 3.91 -0.81 5.20
C ASP A 118 4.33 -1.89 4.18
N PHE A 119 3.95 -3.15 4.41
CA PHE A 119 4.34 -4.25 3.48
C PHE A 119 3.31 -5.38 3.42
N ARG A 120 3.33 -6.12 2.32
CA ARG A 120 2.66 -7.43 2.24
C ARG A 120 3.74 -8.50 2.06
N ALA A 121 4.06 -9.19 3.17
CA ALA A 121 5.10 -10.18 3.17
C ALA A 121 4.86 -11.21 2.09
N ASP A 122 5.96 -11.62 1.44
CA ASP A 122 5.93 -12.62 0.39
C ASP A 122 7.16 -13.54 0.50
N PRO A 123 7.01 -14.84 0.16
CA PRO A 123 8.21 -15.72 0.18
C PRO A 123 9.37 -15.23 -0.70
N SER A 124 9.08 -14.48 -1.78
CA SER A 124 10.13 -13.89 -2.62
C SER A 124 11.12 -12.99 -1.87
N MET A 125 10.69 -12.40 -0.75
CA MET A 125 11.57 -11.58 0.09
C MET A 125 12.66 -12.40 0.79
N GLU A 126 12.46 -13.71 0.87
CA GLU A 126 13.44 -14.62 1.45
C GLU A 126 14.68 -14.80 0.54
N ARG A 127 14.61 -14.31 -0.71
CA ARG A 127 15.75 -14.32 -1.67
C ARG A 127 16.17 -12.92 -2.14
N SER A 128 15.85 -11.92 -1.34
CA SER A 128 16.39 -10.58 -1.51
C SER A 128 17.76 -10.51 -0.83
N LEU A 129 18.35 -9.32 -0.78
CA LEU A 129 19.54 -9.06 0.08
C LEU A 129 19.33 -9.37 1.59
N LEU A 130 18.09 -9.59 2.05
CA LEU A 130 17.84 -10.09 3.42
C LEU A 130 18.45 -11.45 3.73
N ALA A 131 18.68 -12.27 2.71
CA ALA A 131 19.22 -13.59 2.92
C ALA A 131 20.67 -13.56 3.47
N ASP A 132 21.39 -12.48 3.16
CA ASP A 132 22.84 -12.35 3.41
C ASP A 132 23.39 -12.20 4.81
N GLN A 133 22.57 -11.74 5.74
CA GLN A 133 23.03 -11.44 7.09
C GLN A 133 21.90 -11.42 8.10
N LYS A 134 22.33 -11.39 9.35
CA LYS A 134 21.47 -11.39 10.50
C LYS A 134 20.84 -10.01 10.67
N VAL A 135 19.57 -9.99 11.08
CA VAL A 135 18.84 -8.77 11.45
C VAL A 135 18.52 -8.82 12.94
N HIS A 136 18.98 -7.83 13.68
CA HIS A 136 18.83 -7.80 15.14
C HIS A 136 17.48 -7.23 15.57
N MET A 137 17.07 -6.12 14.94
CA MET A 137 15.82 -5.45 15.30
C MET A 137 14.93 -5.29 14.07
N LEU A 138 13.64 -5.59 14.26
CA LEU A 138 12.60 -5.49 13.21
C LEU A 138 11.48 -4.51 13.61
N TYR A 139 11.30 -3.43 12.84
CA TYR A 139 10.21 -2.47 13.02
C TYR A 139 9.12 -2.91 12.03
N LEU A 140 8.05 -3.51 12.58
CA LEU A 140 7.13 -4.38 11.81
C LEU A 140 5.75 -3.78 11.59
N ASP A 141 5.30 -3.78 10.32
CA ASP A 141 3.89 -3.46 9.96
C ASP A 141 2.99 -4.60 10.48
N THR A 142 2.33 -4.33 11.61
CA THR A 142 1.48 -5.28 12.32
C THR A 142 -0.02 -5.01 12.09
N THR A 143 -0.37 -4.35 10.97
CA THR A 143 -1.78 -3.98 10.66
C THR A 143 -2.77 -5.13 10.94
N TYR A 144 -2.50 -6.30 10.39
CA TYR A 144 -3.36 -7.47 10.54
C TYR A 144 -2.75 -8.63 11.38
N CYS A 145 -2.11 -8.28 12.50
CA CYS A 145 -1.50 -9.26 13.39
C CYS A 145 -2.50 -9.93 14.35
N SER A 146 -3.40 -10.74 13.78
CA SER A 146 -4.34 -11.57 14.53
C SER A 146 -4.88 -12.65 13.58
N PRO A 147 -5.08 -13.90 14.07
CA PRO A 147 -5.40 -15.00 13.16
C PRO A 147 -6.72 -14.87 12.41
N GLU A 148 -7.64 -14.04 12.89
CA GLU A 148 -8.91 -13.82 12.19
C GLU A 148 -8.74 -13.12 10.84
N TYR A 149 -7.62 -12.43 10.65
CA TYR A 149 -7.36 -11.70 9.43
C TYR A 149 -6.83 -12.65 8.33
N THR A 150 -7.79 -13.17 7.56
CA THR A 150 -7.52 -13.96 6.38
C THR A 150 -8.11 -13.21 5.18
N PHE A 151 -7.42 -13.34 4.06
CA PHE A 151 -7.95 -12.90 2.76
C PHE A 151 -7.21 -13.67 1.62
N PRO A 152 -7.77 -13.64 0.40
CA PRO A 152 -7.15 -14.39 -0.72
C PRO A 152 -5.88 -13.71 -1.28
N SER A 153 -5.22 -14.41 -2.19
CA SER A 153 -4.14 -13.79 -2.92
C SER A 153 -4.68 -12.68 -3.79
N GLN A 154 -3.80 -11.73 -4.09
CA GLN A 154 -4.14 -10.67 -5.06
C GLN A 154 -4.52 -11.25 -6.43
N GLN A 155 -3.85 -12.32 -6.86
CA GLN A 155 -4.17 -12.97 -8.15
C GLN A 155 -5.60 -13.51 -8.17
N GLU A 156 -6.05 -14.14 -7.07
CA GLU A 156 -7.42 -14.70 -6.98
C GLU A 156 -8.49 -13.59 -7.04
N VAL A 157 -8.20 -12.47 -6.38
CA VAL A 157 -9.13 -11.34 -6.34
C VAL A 157 -9.23 -10.71 -7.71
N ILE A 158 -8.10 -10.57 -8.39
CA ILE A 158 -8.11 -10.01 -9.76
C ILE A 158 -8.85 -10.92 -10.77
N ARG A 159 -8.61 -12.23 -10.68
CA ARG A 159 -9.36 -13.21 -11.49
C ARG A 159 -10.88 -13.01 -11.34
N PHE A 160 -11.34 -12.89 -10.09
CA PHE A 160 -12.77 -12.64 -9.78
C PHE A 160 -13.26 -11.33 -10.42
N ALA A 161 -12.51 -10.25 -10.27
CA ALA A 161 -12.91 -8.97 -10.83
C ALA A 161 -12.98 -8.98 -12.36
N ILE A 162 -11.94 -9.53 -13.01
CA ILE A 162 -11.91 -9.65 -14.49
C ILE A 162 -13.13 -10.44 -15.00
N ASN A 163 -13.34 -11.62 -14.43
CA ASN A 163 -14.44 -12.52 -14.87
C ASN A 163 -15.82 -11.86 -14.67
N THR A 164 -16.01 -11.23 -13.52
CA THR A 164 -17.26 -10.51 -13.19
C THR A 164 -17.54 -9.36 -14.16
N ALA A 165 -16.55 -8.51 -14.41
CA ALA A 165 -16.70 -7.39 -15.34
C ALA A 165 -16.95 -7.86 -16.78
N PHE A 166 -16.13 -8.81 -17.26
CA PHE A 166 -16.29 -9.31 -18.64
C PHE A 166 -17.68 -9.93 -18.85
N GLU A 167 -18.15 -10.72 -17.90
CA GLU A 167 -19.50 -11.32 -18.02
C GLU A 167 -20.59 -10.25 -18.11
N ALA A 168 -20.56 -9.27 -17.19
CA ALA A 168 -21.61 -8.24 -17.15
C ALA A 168 -21.70 -7.39 -18.41
N VAL A 169 -20.53 -7.03 -18.95
CA VAL A 169 -20.48 -6.13 -20.10
C VAL A 169 -20.75 -6.90 -21.39
N THR A 170 -20.39 -8.18 -21.43
CA THR A 170 -20.72 -9.02 -22.61
C THR A 170 -22.24 -9.28 -22.66
N LEU A 171 -22.87 -9.50 -21.51
CA LEU A 171 -24.35 -9.59 -21.43
C LEU A 171 -25.05 -8.27 -21.81
N ASN A 172 -24.53 -7.15 -21.28
CA ASN A 172 -25.06 -5.80 -21.58
C ASN A 172 -23.95 -4.84 -22.02
N PRO A 173 -23.74 -4.69 -23.35
CA PRO A 173 -22.74 -3.73 -23.88
C PRO A 173 -22.91 -2.26 -23.44
N HIS A 174 -24.11 -1.89 -22.97
CA HIS A 174 -24.37 -0.56 -22.40
C HIS A 174 -24.19 -0.43 -20.89
N ALA A 175 -23.50 -1.39 -20.26
CA ALA A 175 -23.10 -1.27 -18.85
C ALA A 175 -21.77 -0.51 -18.74
N LEU A 176 -21.71 0.38 -17.76
CA LEU A 176 -20.47 1.09 -17.36
C LEU A 176 -19.85 0.44 -16.14
N VAL A 177 -18.52 0.31 -16.12
CA VAL A 177 -17.80 -0.16 -14.92
C VAL A 177 -17.16 1.03 -14.22
N VAL A 178 -17.36 1.13 -12.90
CA VAL A 178 -16.75 2.18 -12.07
C VAL A 178 -15.90 1.54 -10.96
N CYS A 179 -14.69 2.05 -10.73
N CYS A 179 -14.69 2.05 -10.73
CA CYS A 179 -13.83 1.59 -9.63
CA CYS A 179 -13.83 1.60 -9.64
C CYS A 179 -13.49 2.75 -8.70
C CYS A 179 -13.59 2.78 -8.70
N GLY A 180 -13.62 2.53 -7.39
CA GLY A 180 -13.27 3.54 -6.36
C GLY A 180 -11.79 3.60 -6.03
N THR A 181 -11.30 4.81 -5.72
CA THR A 181 -9.90 5.04 -5.28
C THR A 181 -9.81 6.24 -4.32
N TYR A 182 -8.89 6.21 -3.35
CA TYR A 182 -8.63 7.39 -2.48
C TYR A 182 -7.16 7.66 -2.13
N SER A 183 -6.27 6.91 -2.76
CA SER A 183 -4.84 7.00 -2.55
C SER A 183 -4.20 6.16 -3.65
N ILE A 184 -2.88 6.20 -3.74
CA ILE A 184 -2.18 5.26 -4.63
C ILE A 184 -2.24 3.85 -4.03
N GLY A 185 -1.94 2.87 -4.87
CA GLY A 185 -2.12 1.47 -4.54
C GLY A 185 -3.34 0.84 -5.21
N LYS A 186 -3.26 -0.48 -5.41
CA LYS A 186 -4.39 -1.28 -5.91
C LYS A 186 -4.76 -0.96 -7.37
N GLU A 187 -3.79 -0.38 -8.10
CA GLU A 187 -4.01 -0.01 -9.51
C GLU A 187 -4.35 -1.22 -10.40
N LYS A 188 -3.86 -2.42 -10.04
CA LYS A 188 -4.13 -3.63 -10.85
C LYS A 188 -5.65 -3.89 -11.00
N VAL A 189 -6.45 -3.51 -10.00
CA VAL A 189 -7.90 -3.73 -10.06
C VAL A 189 -8.49 -3.09 -11.34
N PHE A 190 -8.25 -1.79 -11.51
CA PHE A 190 -8.86 -1.07 -12.61
C PHE A 190 -8.11 -1.30 -13.93
N LEU A 191 -6.78 -1.47 -13.86
CA LEU A 191 -6.01 -1.77 -15.07
C LEU A 191 -6.38 -3.14 -15.69
N ALA A 192 -6.56 -4.15 -14.84
CA ALA A 192 -6.91 -5.50 -15.32
C ALA A 192 -8.32 -5.56 -15.92
N ILE A 193 -9.26 -4.89 -15.29
CA ILE A 193 -10.64 -4.82 -15.82
C ILE A 193 -10.65 -4.10 -17.17
N ALA A 194 -9.99 -2.94 -17.25
CA ALA A 194 -9.94 -2.20 -18.53
C ALA A 194 -9.30 -3.01 -19.67
N ASP A 195 -8.26 -3.75 -19.34
CA ASP A 195 -7.58 -4.61 -20.33
C ASP A 195 -8.51 -5.70 -20.91
N VAL A 196 -9.29 -6.36 -20.05
CA VAL A 196 -10.19 -7.43 -20.54
C VAL A 196 -11.31 -6.84 -21.41
N LEU A 197 -11.72 -5.61 -21.11
CA LEU A 197 -12.79 -4.92 -21.85
C LEU A 197 -12.31 -4.13 -23.09
N GLY A 198 -11.00 -4.11 -23.35
CA GLY A 198 -10.44 -3.36 -24.47
C GLY A 198 -10.64 -1.85 -24.43
N SER A 199 -10.52 -1.29 -23.23
CA SER A 199 -10.77 0.13 -22.99
C SER A 199 -9.60 0.76 -22.23
N LYS A 200 -9.44 2.06 -22.37
CA LYS A 200 -8.60 2.85 -21.45
C LYS A 200 -9.43 3.16 -20.20
N VAL A 201 -8.74 3.45 -19.10
CA VAL A 201 -9.38 3.86 -17.85
C VAL A 201 -9.49 5.40 -17.83
N GLY A 202 -10.71 5.91 -17.70
CA GLY A 202 -10.99 7.35 -17.64
C GLY A 202 -11.03 7.88 -16.21
N MET A 203 -10.51 9.09 -16.00
CA MET A 203 -10.35 9.64 -14.65
C MET A 203 -10.15 11.15 -14.67
N SER A 204 -10.22 11.77 -13.50
CA SER A 204 -9.97 13.22 -13.36
C SER A 204 -8.53 13.61 -13.71
N GLN A 205 -8.31 14.89 -13.99
CA GLN A 205 -6.96 15.41 -14.25
C GLN A 205 -6.03 15.16 -13.06
N GLU A 206 -6.54 15.35 -11.86
CA GLU A 206 -5.78 15.16 -10.62
C GLU A 206 -5.30 13.71 -10.45
N LYS A 207 -6.19 12.73 -10.65
CA LYS A 207 -5.80 11.31 -10.57
C LYS A 207 -4.87 10.90 -11.73
N TYR A 208 -5.11 11.43 -12.95
CA TYR A 208 -4.19 11.20 -14.09
C TYR A 208 -2.76 11.65 -13.76
N LYS A 209 -2.64 12.85 -13.18
CA LYS A 209 -1.35 13.39 -12.73
C LYS A 209 -0.64 12.43 -11.80
N THR A 210 -1.37 11.97 -10.78
CA THR A 210 -0.84 11.00 -9.80
C THR A 210 -0.29 9.74 -10.49
N LEU A 211 -1.09 9.14 -11.36
CA LEU A 211 -0.67 7.92 -12.06
C LEU A 211 0.52 8.12 -13.00
N GLN A 212 0.61 9.30 -13.63
CA GLN A 212 1.79 9.65 -14.46
C GLN A 212 3.13 9.69 -13.68
N CYS A 213 3.10 9.81 -12.36
CA CYS A 213 4.32 9.75 -11.51
C CYS A 213 4.87 8.35 -11.16
N LEU A 214 4.18 7.27 -11.56
CA LEU A 214 4.44 5.92 -11.01
C LEU A 214 5.33 4.95 -11.82
N ASN A 215 5.94 5.40 -12.91
CA ASN A 215 6.80 4.55 -13.78
C ASN A 215 6.15 3.20 -14.23
N ILE A 216 4.83 3.20 -14.44
CA ILE A 216 4.14 2.01 -14.93
C ILE A 216 4.43 1.92 -16.45
N PRO A 217 4.95 0.77 -16.92
CA PRO A 217 5.22 0.60 -18.35
C PRO A 217 4.00 0.78 -19.24
N GLU A 218 4.20 1.50 -20.35
CA GLU A 218 3.17 1.74 -21.38
C GLU A 218 1.91 2.44 -20.84
N ILE A 219 2.06 3.23 -19.76
CA ILE A 219 0.91 3.89 -19.10
C ILE A 219 0.07 4.76 -20.05
N ASN A 220 0.71 5.46 -20.98
CA ASN A 220 -0.03 6.32 -21.94
C ASN A 220 -1.04 5.53 -22.78
N SER A 221 -0.74 4.24 -22.99
CA SER A 221 -1.66 3.33 -23.66
C SER A 221 -2.84 2.86 -22.78
N LEU A 222 -2.81 3.11 -21.47
CA LEU A 222 -3.79 2.50 -20.53
C LEU A 222 -4.79 3.45 -19.84
N ILE A 223 -4.47 4.74 -19.73
CA ILE A 223 -5.28 5.72 -18.99
C ILE A 223 -5.55 6.98 -19.81
N THR A 224 -6.59 7.71 -19.43
CA THR A 224 -7.02 8.89 -20.20
C THR A 224 -7.84 9.83 -19.33
N THR A 225 -7.85 11.11 -19.68
CA THR A 225 -8.79 12.09 -19.10
C THR A 225 -10.06 12.25 -19.95
N ASP A 226 -10.13 11.58 -21.10
CA ASP A 226 -11.31 11.63 -21.98
C ASP A 226 -12.34 10.59 -21.49
N MET A 227 -13.27 11.04 -20.64
CA MET A 227 -14.26 10.15 -20.04
C MET A 227 -15.18 9.50 -21.08
N CYS A 228 -15.54 10.27 -22.11
CA CYS A 228 -16.42 9.79 -23.19
C CYS A 228 -15.85 8.63 -24.01
N SER A 229 -14.53 8.53 -24.10
CA SER A 229 -13.86 7.44 -24.82
C SER A 229 -13.73 6.12 -24.02
N SER A 230 -14.02 6.16 -22.72
CA SER A 230 -13.69 5.07 -21.77
C SER A 230 -14.96 4.38 -21.23
N LEU A 231 -14.96 3.05 -21.08
CA LEU A 231 -16.07 2.38 -20.37
C LEU A 231 -15.67 1.78 -19.04
N VAL A 232 -14.52 2.21 -18.51
CA VAL A 232 -14.11 1.98 -17.11
C VAL A 232 -13.75 3.35 -16.54
N HIS A 233 -14.52 3.82 -15.55
CA HIS A 233 -14.25 5.14 -14.92
C HIS A 233 -13.77 5.00 -13.49
N LEU A 234 -12.84 5.87 -13.08
CA LEU A 234 -12.44 5.98 -11.68
C LEU A 234 -13.14 7.12 -10.99
N LEU A 235 -13.64 6.88 -9.80
CA LEU A 235 -14.23 7.92 -8.96
C LEU A 235 -13.65 7.84 -7.55
N PRO A 236 -13.70 8.95 -6.79
CA PRO A 236 -13.35 8.90 -5.38
C PRO A 236 -14.11 7.81 -4.64
N MET A 237 -13.46 7.15 -3.70
CA MET A 237 -14.08 6.06 -2.93
C MET A 237 -15.39 6.47 -2.24
N MET A 238 -15.44 7.72 -1.76
CA MET A 238 -16.64 8.28 -1.13
C MET A 238 -17.91 8.35 -1.99
N GLN A 239 -17.73 8.35 -3.31
CA GLN A 239 -18.84 8.36 -4.26
C GLN A 239 -19.36 6.95 -4.62
N ILE A 240 -18.70 5.89 -4.12
CA ILE A 240 -19.10 4.51 -4.46
C ILE A 240 -20.22 4.06 -3.52
N ASN A 241 -21.41 4.57 -3.82
CA ASN A 241 -22.65 4.28 -3.09
C ASN A 241 -23.83 4.55 -4.06
N PHE A 242 -25.04 4.12 -3.70
CA PHE A 242 -26.16 4.19 -4.67
C PHE A 242 -26.45 5.63 -5.15
N LYS A 243 -26.44 6.59 -4.23
CA LYS A 243 -26.65 8.01 -4.56
C LYS A 243 -25.59 8.56 -5.52
N GLY A 244 -24.33 8.33 -5.18
CA GLY A 244 -23.21 8.87 -5.95
C GLY A 244 -23.10 8.28 -7.34
N LEU A 245 -23.42 6.99 -7.46
CA LEU A 245 -23.37 6.30 -8.75
C LEU A 245 -24.57 6.66 -9.65
N GLN A 246 -25.77 6.79 -9.07
CA GLN A 246 -26.95 7.34 -9.76
C GLN A 246 -26.66 8.71 -10.37
N SER A 247 -26.03 9.58 -9.58
CA SER A 247 -25.64 10.91 -10.04
C SER A 247 -24.63 10.84 -11.19
N HIS A 248 -23.62 9.99 -11.06
CA HIS A 248 -22.65 9.83 -12.14
C HIS A 248 -23.30 9.32 -13.44
N LEU A 249 -24.19 8.35 -13.34
CA LEU A 249 -24.88 7.79 -14.51
C LEU A 249 -25.67 8.86 -15.28
N LYS A 250 -26.34 9.75 -14.54
CA LYS A 250 -27.04 10.90 -15.16
C LYS A 250 -26.10 11.75 -16.03
N LYS A 251 -24.88 11.98 -15.56
CA LYS A 251 -23.90 12.81 -16.27
C LYS A 251 -23.36 12.19 -17.57
N CYS A 252 -23.58 10.89 -17.78
CA CYS A 252 -23.04 10.19 -18.97
C CYS A 252 -23.92 10.31 -20.23
N GLY A 253 -25.02 11.06 -20.14
CA GLY A 253 -25.78 11.49 -21.32
C GLY A 253 -26.49 10.39 -22.10
N GLY A 254 -27.00 9.38 -21.39
CA GLY A 254 -27.71 8.26 -22.03
C GLY A 254 -26.87 7.27 -22.80
N LYS A 255 -25.56 7.26 -22.57
CA LYS A 255 -24.65 6.31 -23.18
C LYS A 255 -24.77 4.94 -22.49
N TYR A 256 -25.08 4.95 -21.19
CA TYR A 256 -25.17 3.74 -20.39
C TYR A 256 -26.52 3.61 -19.66
N ASN A 257 -26.91 2.37 -19.37
CA ASN A 257 -28.16 2.07 -18.65
C ASN A 257 -28.00 1.14 -17.44
N GLN A 258 -26.75 0.94 -17.01
CA GLN A 258 -26.39 0.04 -15.90
C GLN A 258 -24.99 0.42 -15.38
N ILE A 259 -24.76 0.32 -14.07
CA ILE A 259 -23.41 0.44 -13.48
C ILE A 259 -23.06 -0.83 -12.69
N LEU A 260 -21.86 -1.34 -12.95
CA LEU A 260 -21.19 -2.35 -12.14
C LEU A 260 -20.03 -1.61 -11.46
N ALA A 261 -20.04 -1.53 -10.12
CA ALA A 261 -18.96 -0.82 -9.39
C ALA A 261 -18.18 -1.75 -8.44
N PHE A 262 -16.89 -1.42 -8.25
CA PHE A 262 -15.99 -2.13 -7.33
C PHE A 262 -15.41 -1.19 -6.27
N ARG A 263 -15.45 -1.65 -5.01
CA ARG A 263 -14.84 -1.00 -3.84
C ARG A 263 -13.74 -1.94 -3.33
N PRO A 264 -12.47 -1.66 -3.65
CA PRO A 264 -11.42 -2.48 -3.10
C PRO A 264 -11.20 -2.00 -1.66
N THR A 265 -11.59 -2.84 -0.72
CA THR A 265 -11.38 -2.61 0.70
C THR A 265 -10.11 -3.35 1.13
N GLY A 266 -9.77 -3.22 2.40
CA GLY A 266 -8.87 -4.18 3.04
C GLY A 266 -9.71 -5.36 3.51
N TRP A 267 -9.33 -5.90 4.67
CA TRP A 267 -10.14 -6.93 5.30
C TRP A 267 -11.48 -6.33 5.75
N THR A 268 -12.54 -7.14 5.62
CA THR A 268 -13.81 -6.92 6.29
C THR A 268 -14.28 -8.26 6.90
N HIS A 269 -15.01 -8.22 8.01
CA HIS A 269 -15.67 -9.40 8.65
C HIS A 269 -16.32 -10.46 7.75
N SER A 270 -16.83 -10.09 6.57
CA SER A 270 -17.35 -11.10 5.61
C SER A 270 -16.29 -12.09 5.04
N ASN A 271 -14.99 -11.82 5.25
CA ASN A 271 -13.92 -12.81 5.02
C ASN A 271 -14.00 -14.02 5.96
N LYS A 272 -14.45 -13.79 7.18
CA LYS A 272 -14.63 -14.85 8.18
C LYS A 272 -15.75 -15.86 7.85
N PHE A 273 -16.70 -15.45 7.00
CA PHE A 273 -17.80 -16.31 6.57
C PHE A 273 -17.59 -16.87 5.16
N THR A 274 -17.34 -15.98 4.20
CA THR A 274 -17.49 -16.29 2.78
C THR A 274 -16.15 -16.47 2.03
N ARG A 275 -16.18 -17.24 0.95
CA ARG A 275 -15.06 -17.42 0.02
C ARG A 275 -15.16 -16.43 -1.14
N ILE A 276 -14.03 -16.17 -1.81
CA ILE A 276 -13.99 -15.11 -2.86
C ILE A 276 -14.95 -15.44 -4.02
N ALA A 277 -14.96 -16.71 -4.43
CA ALA A 277 -15.86 -17.20 -5.48
C ALA A 277 -17.34 -16.94 -5.17
N ASP A 278 -17.70 -17.00 -3.88
CA ASP A 278 -19.09 -16.85 -3.42
C ASP A 278 -19.53 -15.40 -3.16
N VAL A 279 -18.65 -14.42 -3.34
CA VAL A 279 -18.96 -12.99 -3.07
C VAL A 279 -20.10 -12.48 -3.97
N ILE A 280 -21.04 -11.76 -3.36
CA ILE A 280 -22.19 -11.19 -4.09
C ILE A 280 -22.26 -9.68 -3.87
N PRO A 281 -22.88 -8.94 -4.82
CA PRO A 281 -22.94 -7.50 -4.67
C PRO A 281 -24.13 -7.04 -3.85
N GLN A 282 -24.12 -5.76 -3.50
CA GLN A 282 -25.32 -5.04 -3.08
C GLN A 282 -25.95 -4.40 -4.32
N THR A 283 -27.27 -4.51 -4.48
CA THR A 283 -27.94 -4.06 -5.70
C THR A 283 -29.19 -3.22 -5.40
N LYS A 284 -29.35 -2.14 -6.17
CA LYS A 284 -30.56 -1.32 -6.18
C LYS A 284 -30.85 -0.91 -7.62
N GLY A 285 -31.90 -1.48 -8.20
CA GLY A 285 -32.26 -1.21 -9.59
C GLY A 285 -31.15 -1.61 -10.53
N ASN A 286 -30.70 -0.65 -11.36
CA ASN A 286 -29.66 -0.89 -12.37
C ASN A 286 -28.20 -0.64 -11.91
N ILE A 287 -27.97 -0.62 -10.59
CA ILE A 287 -26.64 -0.43 -9.99
C ILE A 287 -26.29 -1.59 -9.05
N SER A 288 -25.09 -2.15 -9.23
CA SER A 288 -24.58 -3.21 -8.36
C SER A 288 -23.18 -2.80 -7.88
N ILE A 289 -22.92 -3.02 -6.58
CA ILE A 289 -21.63 -2.70 -5.93
C ILE A 289 -20.99 -3.93 -5.29
N TYR A 290 -19.78 -4.27 -5.72
CA TYR A 290 -18.99 -5.36 -5.15
C TYR A 290 -17.89 -4.83 -4.24
N GLY A 291 -17.84 -5.32 -3.00
CA GLY A 291 -16.68 -5.11 -2.12
C GLY A 291 -15.73 -6.26 -2.32
N ILE A 292 -14.49 -5.98 -2.75
CA ILE A 292 -13.52 -7.05 -2.98
C ILE A 292 -12.29 -6.88 -2.05
N PRO A 293 -11.86 -7.98 -1.40
CA PRO A 293 -10.80 -7.91 -0.38
C PRO A 293 -9.39 -7.93 -0.98
N TYR A 294 -9.04 -6.85 -1.69
CA TYR A 294 -7.71 -6.67 -2.28
C TYR A 294 -6.79 -6.01 -1.23
N SER A 295 -5.94 -6.79 -0.59
CA SER A 295 -5.03 -6.26 0.46
C SER A 295 -3.63 -5.97 -0.05
N GLU A 296 -3.10 -4.81 0.38
CA GLU A 296 -1.66 -4.48 0.22
C GLU A 296 -0.89 -4.55 1.57
N HIS A 297 -1.49 -5.23 2.58
CA HIS A 297 -0.82 -5.58 3.85
C HIS A 297 -0.79 -7.10 4.04
N SER A 298 0.22 -7.59 4.77
CA SER A 298 0.34 -9.00 5.12
C SER A 298 -0.93 -9.54 5.77
N SER A 299 -1.35 -10.74 5.38
CA SER A 299 -2.27 -11.51 6.24
C SER A 299 -1.51 -11.99 7.49
N TYR A 300 -2.24 -12.48 8.49
CA TYR A 300 -1.59 -13.03 9.68
C TYR A 300 -0.59 -14.13 9.30
N LEU A 301 -1.01 -15.08 8.48
CA LEU A 301 -0.12 -16.19 8.08
C LEU A 301 1.13 -15.74 7.29
N GLU A 302 0.97 -14.80 6.36
CA GLU A 302 2.11 -14.23 5.62
C GLU A 302 3.12 -13.54 6.55
N MET A 303 2.61 -12.75 7.50
CA MET A 303 3.44 -12.05 8.52
C MET A 303 4.22 -13.05 9.39
N LYS A 304 3.50 -14.04 9.91
CA LYS A 304 4.10 -15.11 10.73
C LYS A 304 5.24 -15.83 9.99
N ARG A 305 4.99 -16.22 8.73
CA ARG A 305 6.05 -16.89 7.93
C ARG A 305 7.32 -16.04 7.77
N PHE A 306 7.13 -14.77 7.42
CA PHE A 306 8.25 -13.84 7.26
C PHE A 306 9.08 -13.69 8.54
N VAL A 307 8.41 -13.47 9.66
CA VAL A 307 9.10 -13.29 10.93
C VAL A 307 9.81 -14.56 11.40
N GLN A 308 9.17 -15.73 11.26
CA GLN A 308 9.81 -17.01 11.64
C GLN A 308 11.02 -17.33 10.74
N TRP A 309 10.98 -16.86 9.48
CA TRP A 309 12.15 -16.97 8.58
C TRP A 309 13.28 -16.02 8.98
N LEU A 310 12.94 -14.76 9.22
CA LEU A 310 13.95 -13.72 9.55
C LEU A 310 14.64 -13.95 10.91
N LYS A 311 13.90 -14.47 11.88
CA LYS A 311 14.40 -14.75 13.24
C LYS A 311 15.03 -13.50 13.93
N PRO A 312 14.29 -12.38 14.00
CA PRO A 312 14.86 -11.19 14.65
C PRO A 312 15.01 -11.35 16.16
N GLN A 313 15.98 -10.65 16.75
CA GLN A 313 16.18 -10.71 18.22
C GLN A 313 15.15 -9.86 18.99
N LYS A 314 14.69 -8.77 18.37
CA LYS A 314 13.66 -7.91 18.93
C LYS A 314 12.72 -7.38 17.83
N ILE A 315 11.42 -7.36 18.15
CA ILE A 315 10.38 -6.82 17.28
C ILE A 315 9.73 -5.59 17.91
N ILE A 316 9.61 -4.52 17.13
CA ILE A 316 8.95 -3.27 17.53
C ILE A 316 7.77 -3.04 16.57
N PRO A 317 6.52 -3.23 17.05
CA PRO A 317 5.37 -2.94 16.18
C PRO A 317 5.24 -1.45 15.82
N THR A 318 4.80 -1.16 14.59
CA THR A 318 4.54 0.22 14.16
C THR A 318 3.06 0.52 13.89
N VAL A 319 2.17 -0.46 14.08
CA VAL A 319 0.72 -0.31 13.87
C VAL A 319 -0.03 -1.00 15.04
N ASN A 320 -1.20 -0.45 15.39
CA ASN A 320 -2.00 -0.90 16.54
C ASN A 320 -1.24 -0.75 17.87
N VAL A 321 -0.46 0.33 17.96
CA VAL A 321 0.36 0.62 19.15
C VAL A 321 -0.37 1.39 20.26
N GLY A 322 -1.60 1.82 20.00
CA GLY A 322 -2.26 2.76 20.89
C GLY A 322 -3.04 2.19 22.09
N THR A 323 -3.33 0.88 22.11
CA THR A 323 -4.07 0.27 23.22
C THR A 323 -3.25 -0.84 23.91
N TRP A 324 -3.42 -0.97 25.23
CA TRP A 324 -2.75 -2.03 25.97
C TRP A 324 -3.20 -3.41 25.50
N LYS A 325 -4.49 -3.57 25.20
CA LYS A 325 -5.01 -4.83 24.68
C LYS A 325 -4.33 -5.24 23.37
N SER A 326 -4.19 -4.29 22.43
CA SER A 326 -3.50 -4.59 21.16
C SER A 326 -2.02 -4.94 21.38
N ARG A 327 -1.35 -4.14 22.21
CA ARG A 327 0.07 -4.38 22.47
C ARG A 327 0.30 -5.76 23.11
N SER A 328 -0.54 -6.12 24.08
CA SER A 328 -0.45 -7.44 24.75
C SER A 328 -0.71 -8.62 23.81
N THR A 329 -1.73 -8.48 22.97
CA THR A 329 -2.05 -9.47 21.93
C THR A 329 -0.86 -9.72 20.98
N MET A 330 -0.27 -8.65 20.48
CA MET A 330 0.85 -8.74 19.54
C MET A 330 2.07 -9.42 20.18
N GLU A 331 2.42 -9.01 21.40
N GLU A 331 2.43 -9.01 21.40
N GLU A 331 2.42 -9.01 21.40
N GLU A 331 2.42 -9.01 21.40
CA GLU A 331 3.55 -9.60 22.14
CA GLU A 331 3.57 -9.62 22.09
CA GLU A 331 3.55 -9.60 22.14
CA GLU A 331 3.54 -9.58 22.16
C GLU A 331 3.36 -11.11 22.38
C GLU A 331 3.36 -11.12 22.35
C GLU A 331 3.36 -11.11 22.38
C GLU A 331 3.36 -11.09 22.36
N LYS A 332 2.14 -11.52 22.70
CA LYS A 332 1.81 -12.97 22.84
C LYS A 332 2.03 -13.75 21.52
N TYR A 333 1.63 -13.19 20.39
CA TYR A 333 1.90 -13.86 19.10
C TYR A 333 3.40 -13.92 18.80
N PHE A 334 4.14 -12.85 19.04
CA PHE A 334 5.59 -12.86 18.78
C PHE A 334 6.28 -13.98 19.59
N ARG A 335 5.89 -14.17 20.85
CA ARG A 335 6.47 -15.23 21.71
C ARG A 335 6.07 -16.62 21.21
N GLU A 336 4.80 -16.79 20.81
N GLU A 336 4.82 -16.77 20.78
CA GLU A 336 4.35 -18.05 20.22
CA GLU A 336 4.36 -18.04 20.24
C GLU A 336 5.25 -18.40 19.04
C GLU A 336 5.13 -18.43 18.98
N TRP A 337 5.39 -17.45 18.12
CA TRP A 337 6.15 -17.69 16.88
C TRP A 337 7.58 -18.13 17.15
N LYS A 338 8.20 -17.46 18.13
N LYS A 338 8.23 -17.49 18.13
CA LYS A 338 9.57 -17.73 18.59
CA LYS A 338 9.60 -17.82 18.48
C LYS A 338 9.71 -19.15 19.16
C LYS A 338 9.71 -19.21 19.12
N LEU A 339 8.81 -19.53 20.05
CA LEU A 339 8.79 -20.87 20.68
C LEU A 339 8.54 -22.01 19.69
N GLU A 340 7.61 -21.78 18.75
CA GLU A 340 7.32 -22.77 17.70
C GLU A 340 8.52 -23.02 16.80
N ALA A 341 9.17 -21.94 16.36
CA ALA A 341 10.30 -22.04 15.42
C ALA A 341 11.63 -22.40 16.10
N GLY A 342 11.77 -22.06 17.38
CA GLY A 342 12.98 -22.40 18.16
C GLY A 342 14.12 -21.40 18.19
N TYR A 343 13.89 -20.15 17.74
CA TYR A 343 14.95 -19.13 17.74
C TYR A 343 15.10 -18.47 19.09
#